data_3H1S
#
_entry.id   3H1S
#
_cell.length_a   136.787
_cell.length_b   136.787
_cell.length_c   59.765
_cell.angle_alpha   90.00
_cell.angle_beta   90.00
_cell.angle_gamma   120.00
#
_symmetry.space_group_name_H-M   'H 3'
#
loop_
_entity.id
_entity.type
_entity.pdbx_description
1 polymer 'Superoxide dismutase'
2 non-polymer 'FE (III) ION'
3 non-polymer GLYCEROL
4 water water
#
_entity_poly.entity_id   1
_entity_poly.type   'polypeptide(L)'
_entity_poly.pdbx_seq_one_letter_code
;SNAMKFELPKLPYAVDALESTISKETIEYHYGKHHQTYVTNLNNLVEGTEHDGRNLEEIVKTSNGGIFNNAAQVFNHTFY
WNCLTPNKTEASSQLKAALIETFGSVENFKEQFSKAAIATFGSGWAWLVKNTEGKLEIVTTSNAGCPLTENKKPLLTFDV
WEHAYYIDYRNARPKYVEALWDIVNWQFVSEQFAD
;
_entity_poly.pdbx_strand_id   A,B
#
loop_
_chem_comp.id
_chem_comp.type
_chem_comp.name
_chem_comp.formula
FE non-polymer 'FE (III) ION' 'Fe 3'
GOL non-polymer GLYCEROL 'C3 H8 O3'
#
# COMPACT_ATOMS: atom_id res chain seq x y z
N LYS A 5 21.41 7.13 -16.44
CA LYS A 5 21.22 6.58 -17.81
C LYS A 5 19.76 6.12 -18.06
N PHE A 6 19.05 5.59 -17.05
CA PHE A 6 17.61 5.26 -17.24
C PHE A 6 16.77 6.55 -17.30
N GLU A 7 15.81 6.60 -18.21
CA GLU A 7 14.95 7.78 -18.36
C GLU A 7 13.47 7.43 -18.13
N LEU A 8 12.72 8.35 -17.53
CA LEU A 8 11.26 8.23 -17.58
C LEU A 8 10.87 8.24 -19.06
N PRO A 9 10.20 7.20 -19.55
CA PRO A 9 9.79 7.15 -20.93
C PRO A 9 8.54 7.98 -21.15
N LYS A 10 8.39 8.53 -22.36
CA LYS A 10 7.26 9.42 -22.68
C LYS A 10 5.92 8.69 -22.54
N LEU A 11 4.93 9.36 -21.95
CA LEU A 11 3.58 8.82 -21.82
C LEU A 11 3.00 8.65 -23.22
N PRO A 12 2.22 7.57 -23.48
CA PRO A 12 1.76 7.33 -24.86
C PRO A 12 0.60 8.20 -25.34
N TYR A 13 0.23 9.18 -24.53
CA TYR A 13 -0.93 10.04 -24.79
C TYR A 13 -0.75 11.30 -23.92
N ALA A 14 -1.62 12.29 -24.14
CA ALA A 14 -1.59 13.53 -23.38
C ALA A 14 -1.97 13.24 -21.95
N VAL A 15 -1.56 14.11 -21.03
CA VAL A 15 -1.77 13.90 -19.60
C VAL A 15 -3.26 13.88 -19.23
N ASP A 16 -4.09 14.52 -20.05
CA ASP A 16 -5.53 14.55 -19.80
C ASP A 16 -6.33 13.60 -20.71
N ALA A 17 -5.64 12.72 -21.44
CA ALA A 17 -6.32 11.89 -22.45
C ALA A 17 -7.19 10.78 -21.84
N LEU A 18 -6.89 10.41 -20.61
CA LEU A 18 -7.60 9.33 -19.96
C LEU A 18 -8.78 9.80 -19.08
N GLU A 19 -9.04 11.10 -19.08
CA GLU A 19 -10.23 11.62 -18.38
C GLU A 19 -11.43 11.05 -19.15
N SER A 20 -12.48 10.59 -18.48
CA SER A 20 -12.75 10.86 -17.08
C SER A 20 -12.36 9.69 -16.17
N THR A 21 -11.74 8.65 -16.74
CA THR A 21 -11.41 7.46 -15.99
C THR A 21 -10.28 7.74 -14.98
N ILE A 22 -9.24 8.38 -15.48
CA ILE A 22 -8.09 8.79 -14.68
C ILE A 22 -7.89 10.28 -14.94
N SER A 23 -7.83 11.09 -13.88
CA SER A 23 -7.69 12.54 -14.01
C SER A 23 -6.26 12.96 -14.41
N LYS A 24 -6.15 14.16 -14.97
CA LYS A 24 -4.85 14.78 -15.28
C LYS A 24 -4.04 14.93 -13.99
N GLU A 25 -4.73 15.18 -12.88
CA GLU A 25 -4.04 15.28 -11.61
C GLU A 25 -3.38 13.93 -11.26
N THR A 26 -4.11 12.84 -11.39
CA THR A 26 -3.52 11.54 -11.14
C THR A 26 -2.34 11.25 -12.07
N ILE A 27 -2.49 11.50 -13.36
CA ILE A 27 -1.33 11.35 -14.23
C ILE A 27 -0.13 12.15 -13.76
N GLU A 28 -0.31 13.40 -13.34
CA GLU A 28 0.82 14.27 -12.96
C GLU A 28 1.59 13.75 -11.74
N TYR A 29 0.87 13.34 -10.69
CA TYR A 29 1.53 12.65 -9.56
C TYR A 29 1.99 11.22 -9.89
N HIS A 30 1.14 10.40 -10.47
CA HIS A 30 1.49 9.02 -10.68
C HIS A 30 2.65 8.91 -11.64
N TYR A 31 2.50 9.48 -12.81
CA TYR A 31 3.55 9.42 -13.80
C TYR A 31 4.68 10.41 -13.48
N GLY A 32 4.30 11.66 -13.22
CA GLY A 32 5.27 12.74 -13.11
C GLY A 32 6.13 12.73 -11.87
N LYS A 33 5.65 12.10 -10.79
CA LYS A 33 6.39 12.04 -9.54
C LYS A 33 6.72 10.62 -9.10
N HIS A 34 5.72 9.74 -9.01
CA HIS A 34 5.94 8.37 -8.51
C HIS A 34 6.84 7.66 -9.52
N HIS A 35 6.39 7.53 -10.76
CA HIS A 35 7.18 6.86 -11.82
C HIS A 35 8.61 7.44 -11.91
N GLN A 36 8.71 8.75 -11.93
CA GLN A 36 9.99 9.44 -12.01
C GLN A 36 10.88 9.14 -10.83
N THR A 37 10.29 8.93 -9.66
CA THR A 37 11.10 8.71 -8.43
C THR A 37 11.78 7.35 -8.49
N TYR A 38 11.03 6.38 -9.03
CA TYR A 38 11.56 5.04 -9.19
C TYR A 38 12.74 5.09 -10.16
N VAL A 39 12.59 5.82 -11.26
CA VAL A 39 13.67 5.99 -12.23
C VAL A 39 14.87 6.62 -11.57
N THR A 40 14.66 7.73 -10.89
CA THR A 40 15.76 8.43 -10.22
C THR A 40 16.48 7.53 -9.24
N ASN A 41 15.71 6.92 -8.34
CA ASN A 41 16.25 6.05 -7.30
C ASN A 41 17.05 4.91 -7.86
N LEU A 42 16.53 4.29 -8.91
CA LEU A 42 17.22 3.19 -9.57
C LEU A 42 18.59 3.65 -10.07
N ASN A 43 18.61 4.76 -10.81
CA ASN A 43 19.87 5.27 -11.35
C ASN A 43 20.85 5.43 -10.21
N ASN A 44 20.42 6.08 -9.15
CA ASN A 44 21.29 6.20 -7.99
C ASN A 44 21.78 4.87 -7.42
N LEU A 45 20.90 3.87 -7.39
CA LEU A 45 21.25 2.61 -6.72
C LEU A 45 22.13 1.69 -7.54
N VAL A 46 21.97 1.74 -8.85
CA VAL A 46 22.67 0.86 -9.78
C VAL A 46 24.14 1.28 -9.96
N GLU A 47 24.41 2.58 -9.74
CA GLU A 47 25.73 3.16 -10.00
C GLU A 47 26.76 2.46 -9.13
N GLY A 48 27.86 2.05 -9.76
CA GLY A 48 28.94 1.35 -9.08
C GLY A 48 28.63 -0.10 -8.75
N THR A 49 27.55 -0.63 -9.31
CA THR A 49 27.16 -2.02 -9.08
C THR A 49 27.24 -2.79 -10.39
N GLU A 50 26.96 -4.08 -10.35
CA GLU A 50 27.03 -4.95 -11.53
C GLU A 50 25.93 -4.61 -12.51
N HIS A 51 24.83 -4.07 -11.99
CA HIS A 51 23.72 -3.66 -12.84
C HIS A 51 24.00 -2.35 -13.60
N ASP A 52 25.14 -1.71 -13.36
CA ASP A 52 25.42 -0.41 -13.99
C ASP A 52 25.64 -0.62 -15.47
N GLY A 53 24.83 0.03 -16.30
CA GLY A 53 24.77 -0.30 -17.72
C GLY A 53 24.38 -1.77 -17.97
N ARG A 54 23.27 -2.16 -17.38
CA ARG A 54 22.62 -3.44 -17.65
C ARG A 54 21.21 -3.00 -18.04
N ASN A 55 20.44 -3.86 -18.73
CA ASN A 55 19.12 -3.42 -19.18
C ASN A 55 18.09 -3.50 -18.05
N LEU A 56 16.92 -2.88 -18.21
CA LEU A 56 15.89 -2.85 -17.14
C LEU A 56 15.35 -4.22 -16.81
N GLU A 57 14.96 -4.98 -17.85
CA GLU A 57 14.40 -6.33 -17.66
C GLU A 57 15.38 -7.34 -17.03
N GLU A 58 16.67 -7.21 -17.36
CA GLU A 58 17.74 -8.02 -16.77
C GLU A 58 17.94 -7.67 -15.29
N ILE A 59 17.82 -6.40 -14.95
CA ILE A 59 17.92 -5.98 -13.57
C ILE A 59 16.75 -6.54 -12.76
N VAL A 60 15.54 -6.53 -13.33
CA VAL A 60 14.35 -7.05 -12.63
C VAL A 60 14.49 -8.57 -12.35
N LYS A 61 15.07 -9.26 -13.32
CA LYS A 61 15.19 -10.70 -13.26
C LYS A 61 16.32 -11.13 -12.34
N THR A 62 17.23 -10.21 -12.00
CA THR A 62 18.50 -10.54 -11.32
C THR A 62 18.90 -9.65 -10.12
N SER A 63 17.99 -8.84 -9.60
CA SER A 63 18.32 -7.98 -8.46
C SER A 63 17.45 -8.30 -7.27
N ASN A 64 17.86 -7.84 -6.10
CA ASN A 64 17.04 -7.95 -4.92
C ASN A 64 17.02 -6.59 -4.23
N GLY A 65 16.30 -6.54 -3.12
CA GLY A 65 16.17 -5.35 -2.28
C GLY A 65 15.75 -4.08 -2.98
N GLY A 66 16.38 -2.97 -2.60
CA GLY A 66 16.10 -1.66 -3.17
C GLY A 66 16.25 -1.56 -4.69
N ILE A 67 17.22 -2.27 -5.26
CA ILE A 67 17.39 -2.19 -6.71
C ILE A 67 16.19 -2.84 -7.38
N PHE A 68 15.82 -4.02 -6.89
CA PHE A 68 14.65 -4.70 -7.43
C PHE A 68 13.41 -3.84 -7.32
N ASN A 69 13.15 -3.32 -6.14
CA ASN A 69 11.93 -2.54 -5.94
C ASN A 69 11.78 -1.40 -6.97
N ASN A 70 12.85 -0.65 -7.15
CA ASN A 70 12.85 0.50 -8.04
C ASN A 70 12.82 0.07 -9.50
N ALA A 71 13.61 -0.94 -9.85
CA ALA A 71 13.61 -1.47 -11.25
C ALA A 71 12.25 -2.06 -11.64
N ALA A 72 11.70 -2.93 -10.78
CA ALA A 72 10.43 -3.59 -11.05
C ALA A 72 9.34 -2.54 -11.14
N GLN A 73 9.33 -1.55 -10.25
CA GLN A 73 8.33 -0.46 -10.37
C GLN A 73 8.45 0.37 -11.64
N VAL A 74 9.68 0.58 -12.09
CA VAL A 74 9.87 1.29 -13.35
C VAL A 74 9.23 0.47 -14.44
N PHE A 75 9.56 -0.82 -14.48
CA PHE A 75 9.04 -1.67 -15.53
C PHE A 75 7.51 -1.78 -15.47
N ASN A 76 6.99 -1.96 -14.26
CA ASN A 76 5.57 -2.15 -14.03
C ASN A 76 4.76 -0.91 -14.46
N HIS A 77 5.25 0.27 -14.14
CA HIS A 77 4.52 1.49 -14.47
C HIS A 77 4.53 1.77 -15.97
N THR A 78 5.66 1.57 -16.65
CA THR A 78 5.71 1.72 -18.12
C THR A 78 4.73 0.75 -18.77
N PHE A 79 4.72 -0.50 -18.28
CA PHE A 79 3.78 -1.52 -18.75
C PHE A 79 2.33 -1.06 -18.57
N TYR A 80 2.01 -0.60 -17.38
CA TYR A 80 0.65 -0.08 -17.09
C TYR A 80 0.25 1.04 -18.07
N TRP A 81 1.09 2.05 -18.25
CA TRP A 81 0.70 3.16 -19.15
C TRP A 81 0.38 2.67 -20.55
N ASN A 82 1.13 1.69 -21.05
CA ASN A 82 0.85 1.07 -22.36
C ASN A 82 -0.45 0.25 -22.40
N CYS A 83 -0.89 -0.25 -21.23
CA CYS A 83 -2.17 -0.95 -21.10
C CYS A 83 -3.38 -0.04 -21.15
N LEU A 84 -3.19 1.28 -21.17
CA LEU A 84 -4.34 2.18 -21.17
C LEU A 84 -4.35 2.96 -22.48
N THR A 85 -5.52 3.43 -22.89
CA THR A 85 -5.52 4.28 -24.12
C THR A 85 -6.80 5.13 -24.21
N PRO A 86 -6.70 6.33 -24.82
CA PRO A 86 -7.90 7.10 -25.12
C PRO A 86 -8.63 6.57 -26.35
N ASN A 87 -8.02 5.66 -27.10
CA ASN A 87 -8.51 5.26 -28.41
C ASN A 87 -9.30 4.00 -28.31
N LYS A 88 -10.16 3.77 -29.30
CA LYS A 88 -10.91 2.53 -29.45
C LYS A 88 -9.98 1.37 -29.85
N THR A 89 -10.02 0.27 -29.10
CA THR A 89 -9.22 -0.93 -29.41
C THR A 89 -10.09 -2.18 -29.22
N GLU A 90 -9.66 -3.31 -29.75
CA GLU A 90 -10.27 -4.61 -29.40
C GLU A 90 -9.26 -5.73 -29.46
N ALA A 91 -9.63 -6.84 -28.82
CA ALA A 91 -8.78 -8.00 -28.75
C ALA A 91 -8.68 -8.69 -30.12
N SER A 92 -7.46 -9.14 -30.46
CA SER A 92 -7.22 -10.00 -31.64
C SER A 92 -8.01 -11.25 -31.45
N SER A 93 -8.28 -11.92 -32.53
CA SER A 93 -9.05 -13.15 -32.46
C SER A 93 -8.30 -14.26 -31.69
N GLN A 94 -6.98 -14.33 -31.84
CA GLN A 94 -6.17 -15.32 -31.09
C GLN A 94 -6.22 -15.06 -29.57
N LEU A 95 -6.17 -13.79 -29.19
CA LEU A 95 -6.27 -13.42 -27.76
C LEU A 95 -7.66 -13.70 -27.24
N LYS A 96 -8.66 -13.41 -28.06
CA LYS A 96 -10.04 -13.62 -27.67
C LYS A 96 -10.28 -15.10 -27.45
N ALA A 97 -9.78 -15.89 -28.40
CA ALA A 97 -9.88 -17.37 -28.38
C ALA A 97 -9.28 -17.91 -27.11
N ALA A 98 -8.07 -17.48 -26.84
CA ALA A 98 -7.35 -17.92 -25.60
C ALA A 98 -8.10 -17.52 -24.34
N LEU A 99 -8.74 -16.34 -24.37
CA LEU A 99 -9.52 -15.89 -23.22
C LEU A 99 -10.73 -16.76 -22.99
N ILE A 100 -11.36 -17.19 -24.06
CA ILE A 100 -12.58 -17.99 -23.95
C ILE A 100 -12.30 -19.43 -23.44
N GLU A 101 -11.21 -20.02 -23.94
CA GLU A 101 -10.76 -21.35 -23.50
C GLU A 101 -10.45 -21.37 -22.00
N THR A 102 -9.73 -20.34 -21.56
CA THR A 102 -9.21 -20.31 -20.18
C THR A 102 -10.28 -19.88 -19.18
N PHE A 103 -10.96 -18.77 -19.50
CA PHE A 103 -11.90 -18.16 -18.57
C PHE A 103 -13.36 -18.42 -18.90
N GLY A 104 -13.60 -19.11 -20.01
CA GLY A 104 -14.97 -19.39 -20.45
C GLY A 104 -15.48 -18.32 -21.41
N SER A 105 -15.29 -17.05 -21.06
CA SER A 105 -15.69 -15.95 -21.94
C SER A 105 -14.90 -14.71 -21.62
N VAL A 106 -14.98 -13.74 -22.52
CA VAL A 106 -14.26 -12.47 -22.30
C VAL A 106 -14.82 -11.79 -21.08
N GLU A 107 -16.15 -11.71 -20.98
CA GLU A 107 -16.75 -11.11 -19.80
C GLU A 107 -16.31 -11.82 -18.52
N ASN A 108 -16.23 -13.16 -18.54
CA ASN A 108 -15.78 -13.89 -17.34
C ASN A 108 -14.35 -13.59 -16.98
N PHE A 109 -13.52 -13.39 -18.00
CA PHE A 109 -12.18 -12.88 -17.75
C PHE A 109 -12.19 -11.53 -17.03
N LYS A 110 -13.06 -10.63 -17.45
CA LYS A 110 -13.09 -9.31 -16.87
C LYS A 110 -13.60 -9.36 -15.45
N GLU A 111 -14.62 -10.18 -15.19
CA GLU A 111 -15.08 -10.38 -13.81
C GLU A 111 -13.93 -10.87 -12.95
N GLN A 112 -13.31 -11.99 -13.35
CA GLN A 112 -12.27 -12.62 -12.54
C GLN A 112 -11.07 -11.71 -12.32
N PHE A 113 -10.71 -11.01 -13.37
CA PHE A 113 -9.61 -10.05 -13.26
C PHE A 113 -9.95 -8.89 -12.32
N SER A 114 -11.19 -8.42 -12.38
CA SER A 114 -11.62 -7.38 -11.48
C SER A 114 -11.64 -7.88 -10.05
N LYS A 115 -12.14 -9.10 -9.83
CA LYS A 115 -12.17 -9.64 -8.50
C LYS A 115 -10.74 -9.70 -7.95
N ALA A 116 -9.80 -10.16 -8.77
CA ALA A 116 -8.41 -10.34 -8.35
C ALA A 116 -7.82 -8.98 -7.96
N ALA A 117 -8.06 -8.00 -8.82
CA ALA A 117 -7.52 -6.65 -8.60
C ALA A 117 -8.06 -6.09 -7.31
N ILE A 118 -9.37 -6.28 -7.07
CA ILE A 118 -10.02 -5.71 -5.89
C ILE A 118 -9.55 -6.43 -4.59
N ALA A 119 -9.32 -7.73 -4.69
CA ALA A 119 -9.02 -8.57 -3.54
C ALA A 119 -7.54 -8.42 -3.10
N THR A 120 -6.68 -7.84 -3.93
CA THR A 120 -5.26 -7.68 -3.61
C THR A 120 -5.11 -6.79 -2.38
N PHE A 121 -4.50 -7.33 -1.34
CA PHE A 121 -4.46 -6.61 -0.13
C PHE A 121 -3.19 -5.77 -0.06
N GLY A 122 -3.33 -4.55 0.39
CA GLY A 122 -2.19 -3.63 0.43
C GLY A 122 -1.92 -3.13 -0.97
N SER A 123 -0.67 -2.73 -1.20
CA SER A 123 -0.25 -2.21 -2.48
C SER A 123 0.16 -3.36 -3.39
N GLY A 124 -0.09 -3.19 -4.68
CA GLY A 124 0.30 -4.23 -5.61
C GLY A 124 -0.31 -4.07 -6.98
N TRP A 125 -0.40 -5.21 -7.69
CA TRP A 125 -0.73 -5.27 -9.11
C TRP A 125 -1.50 -6.53 -9.45
N ALA A 126 -2.43 -6.42 -10.39
CA ALA A 126 -3.13 -7.56 -10.94
C ALA A 126 -2.60 -7.75 -12.35
N TRP A 127 -2.35 -9.00 -12.74
CA TRP A 127 -1.76 -9.29 -14.04
C TRP A 127 -2.53 -10.39 -14.80
N LEU A 128 -2.69 -10.18 -16.12
CA LEU A 128 -2.83 -11.28 -17.04
C LEU A 128 -1.48 -11.58 -17.68
N VAL A 129 -1.10 -12.86 -17.67
CA VAL A 129 0.21 -13.31 -18.10
C VAL A 129 0.05 -14.56 -18.96
N LYS A 130 1.11 -14.89 -19.68
CA LYS A 130 1.17 -16.14 -20.41
C LYS A 130 2.14 -17.00 -19.67
N ASN A 131 1.71 -18.22 -19.29
CA ASN A 131 2.57 -19.16 -18.50
C ASN A 131 3.22 -20.19 -19.43
N THR A 132 4.05 -21.04 -18.85
CA THR A 132 4.95 -21.96 -19.60
C THR A 132 4.19 -23.03 -20.40
N GLU A 133 2.94 -23.33 -20.03
CA GLU A 133 2.10 -24.27 -20.80
C GLU A 133 1.39 -23.57 -21.97
N GLY A 134 1.72 -22.30 -22.17
CA GLY A 134 1.16 -21.53 -23.29
C GLY A 134 -0.21 -21.01 -22.98
N LYS A 135 -0.56 -21.00 -21.69
CA LYS A 135 -1.93 -20.71 -21.31
C LYS A 135 -1.98 -19.34 -20.60
N LEU A 136 -3.18 -18.80 -20.56
CA LEU A 136 -3.41 -17.56 -19.88
C LEU A 136 -3.61 -17.83 -18.39
N GLU A 137 -3.23 -16.83 -17.59
CA GLU A 137 -3.25 -16.96 -16.14
C GLU A 137 -3.44 -15.56 -15.51
N ILE A 138 -4.32 -15.45 -14.52
CA ILE A 138 -4.39 -14.25 -13.69
C ILE A 138 -3.49 -14.51 -12.45
N VAL A 139 -2.56 -13.59 -12.21
CA VAL A 139 -1.76 -13.58 -10.96
C VAL A 139 -1.72 -12.17 -10.40
N THR A 140 -1.56 -12.07 -9.09
CA THR A 140 -1.41 -10.75 -8.49
C THR A 140 -0.06 -10.67 -7.83
N THR A 141 0.47 -9.48 -7.69
CA THR A 141 1.71 -9.27 -7.02
C THR A 141 1.62 -8.19 -5.95
N SER A 142 2.47 -8.32 -4.96
CA SER A 142 2.55 -7.39 -3.87
C SER A 142 3.65 -6.38 -4.09
N ASN A 143 3.36 -5.14 -3.83
CA ASN A 143 4.32 -4.09 -3.85
C ASN A 143 5.00 -3.93 -5.21
N ALA A 144 6.25 -4.32 -5.34
CA ALA A 144 6.93 -4.22 -6.63
C ALA A 144 6.98 -5.49 -7.44
N GLY A 145 6.32 -6.52 -6.99
CA GLY A 145 6.43 -7.85 -7.57
C GLY A 145 6.05 -7.82 -9.04
N CYS A 146 6.84 -8.54 -9.85
CA CYS A 146 6.72 -8.58 -11.27
C CYS A 146 6.79 -10.03 -11.77
N PRO A 147 5.88 -10.45 -12.68
CA PRO A 147 5.86 -11.79 -13.32
C PRO A 147 7.13 -12.18 -14.05
N LEU A 148 7.94 -11.21 -14.47
CA LEU A 148 9.20 -11.49 -15.11
C LEU A 148 10.07 -12.33 -14.22
N THR A 149 10.01 -12.11 -12.91
CA THR A 149 10.82 -12.89 -11.99
C THR A 149 10.37 -14.34 -11.87
N GLU A 150 9.21 -14.69 -12.41
CA GLU A 150 8.75 -16.08 -12.53
C GLU A 150 8.84 -16.51 -13.99
N ASN A 151 9.59 -15.77 -14.78
CA ASN A 151 9.60 -16.05 -16.21
C ASN A 151 8.21 -16.18 -16.80
N LYS A 152 7.28 -15.33 -16.38
CA LYS A 152 5.97 -15.37 -17.03
C LYS A 152 5.81 -14.10 -17.83
N LYS A 153 5.00 -14.20 -18.90
CA LYS A 153 4.88 -13.14 -19.86
C LYS A 153 3.70 -12.25 -19.53
N PRO A 154 3.96 -11.00 -19.15
CA PRO A 154 2.86 -10.07 -18.84
C PRO A 154 2.18 -9.59 -20.13
N LEU A 155 0.86 -9.54 -20.08
CA LEU A 155 0.02 -9.11 -21.18
C LEU A 155 -0.78 -7.81 -20.80
N LEU A 156 -1.33 -7.78 -19.57
CA LEU A 156 -2.09 -6.63 -19.03
C LEU A 156 -1.80 -6.47 -17.53
N THR A 157 -1.81 -5.23 -17.04
CA THR A 157 -1.76 -5.01 -15.58
C THR A 157 -2.62 -3.84 -15.15
N PHE A 158 -3.20 -3.95 -13.96
CA PHE A 158 -3.80 -2.81 -13.29
C PHE A 158 -2.98 -2.57 -12.02
N ASP A 159 -2.49 -1.35 -11.86
CA ASP A 159 -1.90 -0.86 -10.64
C ASP A 159 -2.99 -0.65 -9.61
N VAL A 160 -2.89 -1.33 -8.47
CA VAL A 160 -3.86 -1.14 -7.33
C VAL A 160 -3.20 -0.59 -6.04
N TRP A 161 -1.97 -0.08 -6.18
CA TRP A 161 -1.42 0.85 -5.17
C TRP A 161 -2.42 1.99 -5.03
N GLU A 162 -2.66 2.43 -3.80
CA GLU A 162 -3.68 3.46 -3.55
C GLU A 162 -3.41 4.77 -4.33
N HIS A 163 -2.13 5.13 -4.52
CA HIS A 163 -1.84 6.30 -5.35
C HIS A 163 -2.46 6.24 -6.78
N ALA A 164 -2.68 5.04 -7.32
CA ALA A 164 -3.20 4.87 -8.68
C ALA A 164 -4.60 5.46 -8.85
N TYR A 165 -5.35 5.53 -7.75
CA TYR A 165 -6.74 5.91 -7.82
C TYR A 165 -7.26 6.84 -6.71
N TYR A 166 -6.48 7.09 -5.65
CA TYR A 166 -7.03 7.75 -4.45
C TYR A 166 -7.54 9.14 -4.72
N ILE A 167 -6.85 9.85 -5.61
CA ILE A 167 -7.24 11.21 -6.00
C ILE A 167 -8.62 11.21 -6.67
N ASP A 168 -8.88 10.20 -7.48
CA ASP A 168 -10.08 10.19 -8.33
C ASP A 168 -11.25 9.39 -7.76
N TYR A 169 -10.95 8.48 -6.83
CA TYR A 169 -11.91 7.49 -6.33
C TYR A 169 -11.84 7.28 -4.80
N ARG A 170 -10.86 7.88 -4.15
CA ARG A 170 -10.62 7.71 -2.69
C ARG A 170 -10.53 6.21 -2.40
N ASN A 171 -11.32 5.69 -1.45
CA ASN A 171 -11.21 4.25 -1.11
C ASN A 171 -11.98 3.30 -2.06
N ALA A 172 -12.64 3.85 -3.08
CA ALA A 172 -13.52 3.10 -3.92
C ALA A 172 -12.74 2.38 -5.05
N ARG A 173 -11.84 1.47 -4.66
CA ARG A 173 -11.05 0.72 -5.62
C ARG A 173 -11.93 0.01 -6.62
N PRO A 174 -13.07 -0.59 -6.19
CA PRO A 174 -13.91 -1.26 -7.20
C PRO A 174 -14.41 -0.36 -8.35
N LYS A 175 -14.70 0.88 -8.04
CA LYS A 175 -15.16 1.87 -9.03
C LYS A 175 -14.03 2.18 -10.04
N TYR A 176 -12.83 2.39 -9.49
CA TYR A 176 -11.60 2.48 -10.29
C TYR A 176 -11.38 1.27 -11.21
N VAL A 177 -11.40 0.08 -10.65
CA VAL A 177 -11.19 -1.12 -11.47
C VAL A 177 -12.25 -1.28 -12.56
N GLU A 178 -13.51 -1.06 -12.18
CA GLU A 178 -14.58 -1.04 -13.15
C GLU A 178 -14.33 -0.02 -14.25
N ALA A 179 -14.00 1.22 -13.86
CA ALA A 179 -13.77 2.30 -14.83
C ALA A 179 -12.58 2.03 -15.75
N LEU A 180 -11.59 1.27 -15.27
CA LEU A 180 -10.42 1.00 -16.08
C LEU A 180 -10.75 0.32 -17.41
N TRP A 181 -11.75 -0.58 -17.45
CA TRP A 181 -12.07 -1.30 -18.68
C TRP A 181 -12.35 -0.36 -19.84
N ASP A 182 -12.82 0.85 -19.53
CA ASP A 182 -13.10 1.84 -20.55
C ASP A 182 -11.87 2.26 -21.32
N ILE A 183 -10.71 2.10 -20.71
CA ILE A 183 -9.49 2.61 -21.29
C ILE A 183 -8.45 1.50 -21.49
N VAL A 184 -8.87 0.24 -21.41
CA VAL A 184 -7.90 -0.86 -21.60
C VAL A 184 -7.50 -0.96 -23.08
N ASN A 185 -6.18 -0.98 -23.32
CA ASN A 185 -5.65 -1.01 -24.68
C ASN A 185 -5.55 -2.44 -25.13
N TRP A 186 -6.60 -2.92 -25.77
CA TRP A 186 -6.62 -4.28 -26.27
C TRP A 186 -5.62 -4.54 -27.42
N GLN A 187 -5.17 -3.51 -28.12
CA GLN A 187 -4.10 -3.68 -29.11
C GLN A 187 -2.79 -4.03 -28.42
N PHE A 188 -2.49 -3.34 -27.32
CA PHE A 188 -1.25 -3.61 -26.62
C PHE A 188 -1.29 -4.99 -26.01
N VAL A 189 -2.42 -5.35 -25.38
CA VAL A 189 -2.53 -6.69 -24.79
C VAL A 189 -2.34 -7.77 -25.90
N SER A 190 -2.88 -7.51 -27.10
CA SER A 190 -2.75 -8.40 -28.24
C SER A 190 -1.30 -8.43 -28.79
N GLU A 191 -0.61 -7.29 -28.87
CA GLU A 191 0.77 -7.32 -29.34
C GLU A 191 1.66 -8.14 -28.38
N GLN A 192 1.58 -7.84 -27.08
CA GLN A 192 2.31 -8.57 -26.03
C GLN A 192 2.05 -10.05 -26.13
N PHE A 193 0.82 -10.39 -26.42
CA PHE A 193 0.45 -11.76 -26.45
C PHE A 193 0.93 -12.49 -27.69
N ALA A 194 1.28 -11.74 -28.71
CA ALA A 194 1.70 -12.35 -29.94
C ALA A 194 2.83 -13.33 -29.65
N MET B 4 -19.41 -11.44 20.80
CA MET B 4 -20.53 -11.06 19.87
C MET B 4 -20.03 -10.37 18.59
N LYS B 5 -20.21 -9.06 18.46
CA LYS B 5 -19.70 -8.34 17.30
C LYS B 5 -18.73 -7.21 17.69
N PHE B 6 -17.72 -6.96 16.86
CA PHE B 6 -16.76 -5.87 17.09
C PHE B 6 -17.36 -4.59 16.57
N GLU B 7 -17.08 -3.49 17.24
CA GLU B 7 -17.59 -2.20 16.77
C GLU B 7 -16.42 -1.26 16.48
N LEU B 8 -16.68 -0.24 15.68
CA LEU B 8 -15.72 0.80 15.42
C LEU B 8 -15.65 1.62 16.72
N PRO B 9 -14.44 1.79 17.29
CA PRO B 9 -14.40 2.52 18.57
C PRO B 9 -14.70 3.99 18.31
N LYS B 10 -15.27 4.70 19.26
CA LYS B 10 -15.52 6.10 19.02
C LYS B 10 -14.17 6.86 18.88
N LEU B 11 -14.13 7.81 17.96
CA LEU B 11 -12.91 8.55 17.76
C LEU B 11 -12.67 9.36 19.06
N PRO B 12 -11.40 9.49 19.52
CA PRO B 12 -11.19 10.17 20.83
C PRO B 12 -11.29 11.67 20.79
N TYR B 13 -11.62 12.24 19.63
CA TYR B 13 -11.71 13.70 19.43
C TYR B 13 -12.64 13.97 18.24
N ALA B 14 -12.94 15.23 18.02
CA ALA B 14 -13.78 15.69 16.91
C ALA B 14 -13.07 15.38 15.59
N VAL B 15 -13.83 15.25 14.50
CA VAL B 15 -13.22 14.86 13.20
C VAL B 15 -12.22 15.89 12.64
N ASP B 16 -12.30 17.14 13.11
CA ASP B 16 -11.43 18.25 12.66
C ASP B 16 -10.43 18.72 13.73
N ALA B 17 -10.35 17.96 14.80
CA ALA B 17 -9.48 18.24 15.93
C ALA B 17 -7.99 18.16 15.56
N LEU B 18 -7.67 17.39 14.55
CA LEU B 18 -6.26 17.16 14.16
C LEU B 18 -5.79 18.05 12.99
N GLU B 19 -6.62 18.99 12.53
CA GLU B 19 -6.17 19.95 11.52
C GLU B 19 -5.17 20.86 12.26
N SER B 20 -4.08 21.31 11.64
CA SER B 20 -3.81 21.28 10.25
C SER B 20 -3.06 19.99 9.84
N THR B 21 -2.69 19.16 10.81
CA THR B 21 -1.89 17.99 10.49
C THR B 21 -2.60 16.94 9.65
N ILE B 22 -3.82 16.60 10.06
CA ILE B 22 -4.66 15.66 9.34
C ILE B 22 -6.05 16.28 9.15
N SER B 23 -6.52 16.27 7.91
CA SER B 23 -7.68 17.03 7.54
C SER B 23 -8.94 16.28 7.97
N LYS B 24 -9.98 17.05 8.21
CA LYS B 24 -11.32 16.53 8.40
C LYS B 24 -11.64 15.47 7.35
N GLU B 25 -11.36 15.77 6.08
CA GLU B 25 -11.65 14.84 5.01
C GLU B 25 -10.89 13.53 5.21
N THR B 26 -9.61 13.58 5.59
CA THR B 26 -8.86 12.36 5.82
C THR B 26 -9.50 11.52 6.91
N ILE B 27 -9.85 12.16 8.00
CA ILE B 27 -10.53 11.45 9.06
C ILE B 27 -11.83 10.80 8.58
N GLU B 28 -12.64 11.58 7.84
CA GLU B 28 -13.85 11.08 7.23
C GLU B 28 -13.61 9.80 6.48
N TYR B 29 -12.59 9.76 5.66
CA TYR B 29 -12.33 8.57 4.89
C TYR B 29 -11.60 7.50 5.70
N HIS B 30 -10.51 7.86 6.33
CA HIS B 30 -9.66 6.94 7.04
C HIS B 30 -10.37 6.22 8.20
N TYR B 31 -10.95 6.98 9.10
CA TYR B 31 -11.78 6.44 10.18
C TYR B 31 -13.16 5.95 9.71
N GLY B 32 -13.88 6.80 9.03
CA GLY B 32 -15.26 6.54 8.76
C GLY B 32 -15.50 5.54 7.67
N LYS B 33 -14.52 5.34 6.78
CA LYS B 33 -14.70 4.36 5.72
C LYS B 33 -13.73 3.17 5.85
N HIS B 34 -12.41 3.45 5.89
CA HIS B 34 -11.44 2.38 5.88
C HIS B 34 -11.51 1.59 7.16
N HIS B 35 -11.47 2.26 8.30
CA HIS B 35 -11.43 1.59 9.61
C HIS B 35 -12.79 0.89 9.76
N GLN B 36 -13.87 1.54 9.36
CA GLN B 36 -15.22 0.90 9.42
C GLN B 36 -15.29 -0.38 8.55
N THR B 37 -14.72 -0.34 7.34
CA THR B 37 -14.69 -1.50 6.43
C THR B 37 -13.96 -2.68 7.05
N TYR B 38 -12.87 -2.40 7.71
CA TYR B 38 -12.14 -3.48 8.41
C TYR B 38 -13.00 -4.14 9.50
N VAL B 39 -13.71 -3.32 10.30
CA VAL B 39 -14.62 -3.81 11.32
C VAL B 39 -15.73 -4.65 10.67
N THR B 40 -16.38 -4.14 9.63
CA THR B 40 -17.44 -4.90 8.97
C THR B 40 -16.94 -6.21 8.41
N ASN B 41 -15.79 -6.17 7.71
CA ASN B 41 -15.22 -7.39 7.15
C ASN B 41 -14.84 -8.38 8.24
N LEU B 42 -14.23 -7.88 9.33
CA LEU B 42 -13.84 -8.75 10.41
C LEU B 42 -15.07 -9.53 10.92
N ASN B 43 -16.15 -8.79 11.23
CA ASN B 43 -17.38 -9.42 11.74
C ASN B 43 -17.93 -10.47 10.77
N ASN B 44 -17.97 -10.11 9.49
CA ASN B 44 -18.45 -11.01 8.43
C ASN B 44 -17.65 -12.27 8.36
N LEU B 45 -16.33 -12.13 8.48
CA LEU B 45 -15.46 -13.31 8.32
C LEU B 45 -15.38 -14.24 9.56
N VAL B 46 -15.45 -13.63 10.74
CA VAL B 46 -15.39 -14.33 12.01
C VAL B 46 -16.65 -15.10 12.31
N GLU B 47 -17.77 -14.59 11.80
CA GLU B 47 -19.06 -15.12 12.22
C GLU B 47 -19.08 -16.62 12.03
N GLY B 48 -19.37 -17.36 13.10
CA GLY B 48 -19.56 -18.83 12.99
C GLY B 48 -18.26 -19.64 13.06
N THR B 49 -17.12 -18.95 13.13
CA THR B 49 -15.81 -19.60 13.32
C THR B 49 -15.46 -19.66 14.78
N GLU B 50 -14.34 -20.32 15.06
CA GLU B 50 -13.78 -20.44 16.42
C GLU B 50 -13.32 -19.07 16.97
N HIS B 51 -13.04 -18.12 16.07
CA HIS B 51 -12.68 -16.75 16.43
C HIS B 51 -13.85 -15.91 16.90
N ASP B 52 -15.08 -16.30 16.55
CA ASP B 52 -16.25 -15.61 17.00
C ASP B 52 -16.32 -15.72 18.51
N GLY B 53 -16.20 -14.60 19.22
CA GLY B 53 -16.17 -14.62 20.67
C GLY B 53 -14.83 -14.35 21.30
N ARG B 54 -13.75 -14.47 20.52
CA ARG B 54 -12.43 -14.23 21.03
C ARG B 54 -12.14 -12.73 21.12
N ASN B 55 -11.31 -12.34 22.07
CA ASN B 55 -10.89 -10.94 22.12
C ASN B 55 -10.02 -10.58 20.91
N LEU B 56 -10.09 -9.31 20.50
CA LEU B 56 -9.39 -8.88 19.29
C LEU B 56 -7.90 -9.24 19.29
N GLU B 57 -7.22 -9.05 20.44
CA GLU B 57 -5.77 -9.31 20.49
C GLU B 57 -5.46 -10.76 20.27
N GLU B 58 -6.28 -11.63 20.81
CA GLU B 58 -6.11 -13.06 20.50
C GLU B 58 -6.29 -13.39 19.02
N ILE B 59 -7.37 -12.86 18.46
CA ILE B 59 -7.56 -13.03 17.00
C ILE B 59 -6.32 -12.59 16.21
N VAL B 60 -5.81 -11.36 16.49
CA VAL B 60 -4.59 -10.88 15.84
C VAL B 60 -3.40 -11.84 15.94
N LYS B 61 -3.21 -12.37 17.15
CA LYS B 61 -2.12 -13.23 17.46
C LYS B 61 -2.23 -14.61 16.84
N THR B 62 -3.44 -15.04 16.52
CA THR B 62 -3.64 -16.45 16.18
C THR B 62 -4.32 -16.74 14.83
N SER B 63 -4.70 -15.71 14.12
CA SER B 63 -5.38 -15.87 12.82
C SER B 63 -4.47 -15.74 11.63
N ASN B 64 -5.03 -16.04 10.46
CA ASN B 64 -4.33 -15.86 9.22
C ASN B 64 -5.34 -15.41 8.15
N GLY B 65 -4.85 -15.24 6.92
CA GLY B 65 -5.72 -14.91 5.81
C GLY B 65 -6.50 -13.63 6.01
N GLY B 66 -7.74 -13.66 5.55
CA GLY B 66 -8.59 -12.46 5.61
C GLY B 66 -8.96 -12.02 7.03
N ILE B 67 -9.16 -12.98 7.91
CA ILE B 67 -9.48 -12.72 9.29
C ILE B 67 -8.31 -11.91 9.86
N PHE B 68 -7.08 -12.40 9.67
CA PHE B 68 -5.93 -11.68 10.18
C PHE B 68 -5.87 -10.24 9.66
N ASN B 69 -5.95 -10.12 8.35
CA ASN B 69 -5.78 -8.83 7.74
C ASN B 69 -6.74 -7.82 8.32
N ASN B 70 -8.00 -8.21 8.45
CA ASN B 70 -9.03 -7.33 8.98
C ASN B 70 -8.86 -7.13 10.52
N ALA B 71 -8.58 -8.20 11.27
CA ALA B 71 -8.38 -8.09 12.71
C ALA B 71 -7.25 -7.16 13.08
N ALA B 72 -6.09 -7.36 12.45
CA ALA B 72 -4.90 -6.65 12.74
C ALA B 72 -5.12 -5.19 12.31
N GLN B 73 -5.76 -4.95 11.17
CA GLN B 73 -6.05 -3.56 10.80
C GLN B 73 -7.03 -2.84 11.75
N VAL B 74 -8.01 -3.54 12.30
CA VAL B 74 -8.92 -2.93 13.27
C VAL B 74 -8.10 -2.49 14.49
N PHE B 75 -7.26 -3.39 14.98
CA PHE B 75 -6.42 -3.10 16.13
C PHE B 75 -5.47 -1.93 15.87
N ASN B 76 -4.80 -2.00 14.72
CA ASN B 76 -3.74 -1.06 14.37
C ASN B 76 -4.33 0.37 14.26
N HIS B 77 -5.51 0.48 13.64
CA HIS B 77 -6.16 1.76 13.47
C HIS B 77 -6.66 2.33 14.82
N THR B 78 -7.23 1.51 15.67
CA THR B 78 -7.61 1.96 16.98
C THR B 78 -6.41 2.46 17.72
N PHE B 79 -5.33 1.68 17.66
CA PHE B 79 -4.07 2.11 18.27
C PHE B 79 -3.62 3.49 17.71
N TYR B 80 -3.60 3.63 16.40
CA TYR B 80 -3.20 4.86 15.72
C TYR B 80 -4.00 6.09 16.19
N TRP B 81 -5.32 5.98 16.26
CA TRP B 81 -6.15 7.14 16.73
C TRP B 81 -5.83 7.56 18.17
N ASN B 82 -5.47 6.59 18.99
CA ASN B 82 -5.05 6.84 20.38
C ASN B 82 -3.66 7.46 20.51
N CYS B 83 -2.81 7.26 19.49
CA CYS B 83 -1.49 7.84 19.39
C CYS B 83 -1.48 9.29 18.98
N LEU B 84 -2.64 9.79 18.56
CA LEU B 84 -2.81 11.19 18.12
C LEU B 84 -3.74 11.97 19.06
N THR B 85 -3.56 13.30 19.15
CA THR B 85 -4.38 14.09 20.02
C THR B 85 -4.27 15.58 19.65
N PRO B 86 -5.35 16.32 19.82
CA PRO B 86 -5.21 17.81 19.70
C PRO B 86 -4.69 18.45 20.96
N ASN B 87 -4.46 17.68 22.01
CA ASN B 87 -4.03 18.27 23.29
C ASN B 87 -2.54 18.24 23.46
N LYS B 88 -2.04 19.10 24.33
CA LYS B 88 -0.62 19.14 24.69
C LYS B 88 -0.25 17.97 25.61
N THR B 89 0.85 17.30 25.29
CA THR B 89 1.29 16.14 26.03
C THR B 89 2.79 16.15 26.09
N GLU B 90 3.36 15.38 27.01
CA GLU B 90 4.81 15.18 27.10
C GLU B 90 5.10 13.74 27.60
N ALA B 91 6.27 13.23 27.27
CA ALA B 91 6.66 11.91 27.71
C ALA B 91 6.79 11.92 29.26
N SER B 92 6.34 10.86 29.91
CA SER B 92 6.68 10.58 31.31
C SER B 92 8.18 10.56 31.54
N SER B 93 8.61 10.77 32.78
CA SER B 93 10.03 10.73 33.10
C SER B 93 10.62 9.38 32.81
N GLN B 94 9.84 8.34 33.08
CA GLN B 94 10.27 6.97 32.79
C GLN B 94 10.47 6.71 31.28
N LEU B 95 9.48 7.10 30.47
CA LEU B 95 9.63 6.97 29.02
C LEU B 95 10.79 7.81 28.48
N LYS B 96 10.90 9.05 28.99
CA LYS B 96 12.01 9.87 28.57
C LYS B 96 13.33 9.19 28.85
N ALA B 97 13.51 8.68 30.07
CA ALA B 97 14.75 8.06 30.48
C ALA B 97 15.05 6.83 29.56
N ALA B 98 14.03 6.04 29.26
CA ALA B 98 14.21 4.88 28.39
C ALA B 98 14.65 5.29 26.95
N LEU B 99 14.02 6.33 26.42
CA LEU B 99 14.34 6.85 25.06
C LEU B 99 15.77 7.35 25.02
N ILE B 100 16.15 8.07 26.06
CA ILE B 100 17.50 8.61 26.15
C ILE B 100 18.51 7.47 26.21
N GLU B 101 18.25 6.47 27.05
CA GLU B 101 19.20 5.43 27.22
C GLU B 101 19.30 4.55 25.99
N THR B 102 18.18 4.30 25.29
CA THR B 102 18.24 3.43 24.12
C THR B 102 18.75 4.16 22.87
N PHE B 103 18.28 5.38 22.65
CA PHE B 103 18.48 6.03 21.34
C PHE B 103 19.38 7.25 21.45
N GLY B 104 19.71 7.65 22.68
CA GLY B 104 20.66 8.72 22.93
C GLY B 104 19.93 9.97 23.41
N SER B 105 18.76 10.22 22.82
CA SER B 105 17.93 11.36 23.17
C SER B 105 16.54 11.19 22.62
N VAL B 106 15.59 11.97 23.10
CA VAL B 106 14.25 11.90 22.53
C VAL B 106 14.28 12.31 21.04
N GLU B 107 15.09 13.33 20.70
CA GLU B 107 15.16 13.82 19.33
C GLU B 107 15.79 12.72 18.39
N ASN B 108 16.80 12.00 18.87
CA ASN B 108 17.38 10.90 18.12
C ASN B 108 16.33 9.85 17.86
N PHE B 109 15.50 9.52 18.85
CA PHE B 109 14.45 8.55 18.58
C PHE B 109 13.57 9.10 17.46
N LYS B 110 13.16 10.37 17.55
CA LYS B 110 12.24 10.89 16.54
C LYS B 110 12.84 10.81 15.14
N GLU B 111 14.14 11.04 15.07
CA GLU B 111 14.85 10.98 13.80
C GLU B 111 14.85 9.57 13.23
N GLN B 112 15.23 8.59 14.04
CA GLN B 112 15.28 7.19 13.63
C GLN B 112 13.89 6.66 13.20
N PHE B 113 12.89 7.04 13.99
CA PHE B 113 11.54 6.60 13.79
C PHE B 113 11.00 7.19 12.48
N SER B 114 11.26 8.47 12.28
CA SER B 114 10.87 9.14 11.05
C SER B 114 11.53 8.47 9.84
N LYS B 115 12.81 8.12 9.98
CA LYS B 115 13.50 7.54 8.86
C LYS B 115 12.87 6.16 8.53
N ALA B 116 12.59 5.36 9.57
CA ALA B 116 12.02 4.03 9.41
C ALA B 116 10.64 4.09 8.73
N ALA B 117 9.82 5.04 9.17
CA ALA B 117 8.52 5.29 8.60
C ALA B 117 8.56 5.70 7.12
N ILE B 118 9.51 6.58 6.77
CA ILE B 118 9.69 7.06 5.41
C ILE B 118 10.19 5.92 4.51
N ALA B 119 11.02 5.02 5.04
CA ALA B 119 11.61 3.98 4.21
C ALA B 119 10.77 2.77 4.02
N THR B 120 9.69 2.64 4.75
CA THR B 120 8.88 1.44 4.66
C THR B 120 8.34 1.38 3.24
N PHE B 121 8.53 0.26 2.55
CA PHE B 121 8.11 0.21 1.13
C PHE B 121 6.71 -0.40 1.01
N GLY B 122 5.86 0.23 0.21
CA GLY B 122 4.49 -0.22 0.04
C GLY B 122 3.67 0.23 1.24
N SER B 123 2.59 -0.49 1.51
CA SER B 123 1.71 -0.16 2.61
C SER B 123 2.27 -0.76 3.89
N GLY B 124 2.19 -0.03 4.99
CA GLY B 124 2.55 -0.61 6.29
C GLY B 124 2.49 0.39 7.44
N TRP B 125 3.20 0.03 8.49
CA TRP B 125 3.20 0.73 9.77
C TRP B 125 4.62 0.84 10.39
N ALA B 126 4.89 1.98 11.05
CA ALA B 126 6.09 2.12 11.88
C ALA B 126 5.67 2.08 13.32
N TRP B 127 6.42 1.32 14.13
CA TRP B 127 6.10 1.10 15.51
C TRP B 127 7.27 1.36 16.44
N LEU B 128 6.96 1.93 17.59
CA LEU B 128 7.82 1.82 18.75
C LEU B 128 7.18 0.82 19.65
N VAL B 129 7.97 -0.18 20.02
CA VAL B 129 7.52 -1.29 20.85
C VAL B 129 8.43 -1.49 22.07
N LYS B 130 7.88 -2.19 23.07
CA LYS B 130 8.64 -2.63 24.26
C LYS B 130 8.65 -4.18 24.20
N ASN B 131 9.84 -4.79 24.11
CA ASN B 131 9.96 -6.27 24.08
C ASN B 131 9.86 -6.86 25.49
N THR B 132 9.93 -8.20 25.64
CA THR B 132 9.68 -8.79 26.97
C THR B 132 10.75 -8.50 28.00
N GLU B 133 11.96 -8.17 27.54
CA GLU B 133 12.99 -7.73 28.48
C GLU B 133 12.81 -6.26 28.85
N GLY B 134 11.76 -5.64 28.36
CA GLY B 134 11.50 -4.23 28.59
C GLY B 134 12.27 -3.30 27.67
N LYS B 135 12.96 -3.84 26.68
CA LYS B 135 13.82 -3.03 25.83
C LYS B 135 12.98 -2.33 24.73
N LEU B 136 13.32 -1.09 24.41
CA LEU B 136 12.68 -0.40 23.30
C LEU B 136 13.30 -0.74 21.92
N GLU B 137 12.44 -0.94 20.93
CA GLU B 137 12.87 -1.21 19.52
C GLU B 137 11.98 -0.44 18.55
N ILE B 138 12.54 -0.06 17.41
CA ILE B 138 11.74 0.44 16.29
C ILE B 138 11.47 -0.79 15.38
N VAL B 139 10.22 -0.98 15.04
CA VAL B 139 9.78 -2.12 14.26
C VAL B 139 8.92 -1.60 13.11
N THR B 140 9.19 -2.03 11.92
CA THR B 140 8.25 -1.78 10.83
C THR B 140 7.47 -3.05 10.50
N THR B 141 6.24 -2.83 10.03
CA THR B 141 5.43 -3.94 9.49
C THR B 141 4.88 -3.60 8.09
N SER B 142 4.60 -4.66 7.35
CA SER B 142 3.99 -4.60 6.02
C SER B 142 2.48 -4.85 6.13
N ASN B 143 1.70 -4.06 5.43
CA ASN B 143 0.29 -4.29 5.28
C ASN B 143 -0.45 -4.29 6.61
N ALA B 144 -0.94 -5.43 7.09
CA ALA B 144 -1.72 -5.46 8.34
C ALA B 144 -0.83 -5.86 9.52
N GLY B 145 0.46 -6.05 9.27
CA GLY B 145 1.36 -6.62 10.27
C GLY B 145 1.26 -5.88 11.57
N CYS B 146 1.31 -6.62 12.68
CA CYS B 146 1.15 -6.01 14.01
C CYS B 146 2.11 -6.70 14.98
N PRO B 147 2.82 -5.93 15.81
CA PRO B 147 3.89 -6.49 16.68
C PRO B 147 3.37 -7.42 17.77
N LEU B 148 2.08 -7.40 18.06
CA LEU B 148 1.54 -8.43 18.92
C LEU B 148 1.88 -9.80 18.46
N THR B 149 1.93 -10.04 17.17
CA THR B 149 2.19 -11.40 16.68
C THR B 149 3.64 -11.86 16.94
N GLU B 150 4.49 -10.91 17.33
CA GLU B 150 5.89 -11.18 17.74
C GLU B 150 6.06 -10.99 19.23
N ASN B 151 4.97 -10.99 19.97
CA ASN B 151 5.01 -10.87 21.44
C ASN B 151 5.66 -9.54 21.91
N LYS B 152 5.50 -8.49 21.13
CA LYS B 152 6.00 -7.18 21.47
C LYS B 152 4.84 -6.22 21.73
N LYS B 153 5.01 -5.32 22.69
CA LYS B 153 3.90 -4.44 23.08
C LYS B 153 4.03 -3.13 22.34
N PRO B 154 2.99 -2.75 21.60
CA PRO B 154 3.11 -1.49 20.86
C PRO B 154 2.97 -0.29 21.78
N LEU B 155 3.81 0.72 21.53
CA LEU B 155 3.75 2.00 22.25
C LEU B 155 3.32 3.20 21.43
N LEU B 156 3.70 3.23 20.15
CA LEU B 156 3.39 4.30 19.23
C LEU B 156 3.35 3.72 17.84
N THR B 157 2.42 4.19 17.02
CA THR B 157 2.42 3.77 15.62
C THR B 157 2.13 4.92 14.67
N PHE B 158 2.82 4.92 13.52
CA PHE B 158 2.50 5.76 12.39
C PHE B 158 2.00 4.87 11.24
N ASP B 159 0.77 5.11 10.78
CA ASP B 159 0.24 4.48 9.58
C ASP B 159 0.91 5.10 8.38
N VAL B 160 1.48 4.26 7.50
CA VAL B 160 2.13 4.76 6.29
C VAL B 160 1.49 4.17 5.01
N TRP B 161 0.33 3.52 5.15
CA TRP B 161 -0.50 3.25 3.97
C TRP B 161 -0.78 4.57 3.29
N GLU B 162 -0.82 4.63 1.96
CA GLU B 162 -1.02 5.89 1.31
C GLU B 162 -2.31 6.59 1.71
N HIS B 163 -3.39 5.83 1.91
CA HIS B 163 -4.65 6.45 2.37
C HIS B 163 -4.50 7.33 3.61
N ALA B 164 -3.50 7.11 4.45
CA ALA B 164 -3.36 7.90 5.66
C ALA B 164 -2.94 9.32 5.38
N TYR B 165 -2.26 9.58 4.25
CA TYR B 165 -1.76 10.86 3.94
C TYR B 165 -2.07 11.43 2.56
N TYR B 166 -2.62 10.63 1.64
CA TYR B 166 -2.65 11.02 0.24
C TYR B 166 -3.52 12.27 -0.02
N ILE B 167 -4.64 12.39 0.66
CA ILE B 167 -5.54 13.52 0.49
C ILE B 167 -4.84 14.82 0.84
N ASP B 168 -4.03 14.77 1.89
CA ASP B 168 -3.44 15.96 2.52
C ASP B 168 -2.04 16.27 2.06
N TYR B 169 -1.26 15.26 1.62
CA TYR B 169 0.17 15.40 1.27
C TYR B 169 0.53 14.79 -0.08
N ARG B 170 -0.45 14.19 -0.76
CA ARG B 170 -0.19 13.40 -1.96
C ARG B 170 1.02 12.46 -1.71
N ASN B 171 2.03 12.45 -2.59
CA ASN B 171 3.14 11.49 -2.43
C ASN B 171 4.20 11.89 -1.39
N ALA B 172 4.08 13.07 -0.77
CA ALA B 172 5.04 13.60 0.19
C ALA B 172 4.87 13.01 1.58
N ARG B 173 5.11 11.70 1.68
CA ARG B 173 5.09 11.03 2.95
C ARG B 173 6.00 11.68 3.98
N PRO B 174 7.22 12.13 3.59
CA PRO B 174 8.05 12.78 4.63
C PRO B 174 7.41 13.98 5.34
N LYS B 175 6.64 14.78 4.60
CA LYS B 175 5.99 15.93 5.18
C LYS B 175 4.92 15.48 6.18
N TYR B 176 4.15 14.45 5.81
CA TYR B 176 3.21 13.82 6.71
C TYR B 176 3.88 13.32 8.03
N VAL B 177 4.97 12.56 7.89
CA VAL B 177 5.68 12.01 9.06
C VAL B 177 6.23 13.13 9.93
N GLU B 178 6.82 14.14 9.29
CA GLU B 178 7.33 15.29 10.03
C GLU B 178 6.17 15.94 10.84
N ALA B 179 5.02 16.17 10.19
CA ALA B 179 3.89 16.87 10.82
C ALA B 179 3.23 16.10 11.95
N LEU B 180 3.28 14.77 11.84
CA LEU B 180 2.63 13.92 12.83
C LEU B 180 3.18 14.16 14.23
N TRP B 181 4.45 14.44 14.34
CA TRP B 181 5.02 14.71 15.67
C TRP B 181 4.28 15.79 16.46
N ASP B 182 3.73 16.79 15.77
CA ASP B 182 2.94 17.83 16.41
C ASP B 182 1.65 17.35 17.13
N ILE B 183 1.12 16.15 16.75
CA ILE B 183 -0.12 15.62 17.34
C ILE B 183 0.07 14.27 18.01
N VAL B 184 1.32 13.83 18.16
CA VAL B 184 1.60 12.62 18.91
C VAL B 184 1.15 12.75 20.33
N ASN B 185 0.37 11.76 20.75
CA ASN B 185 -0.13 11.69 22.10
C ASN B 185 0.88 10.98 23.02
N TRP B 186 1.79 11.78 23.60
CA TRP B 186 2.81 11.25 24.50
C TRP B 186 2.24 10.75 25.80
N GLN B 187 1.03 11.14 26.13
CA GLN B 187 0.44 10.58 27.35
C GLN B 187 0.11 9.10 27.11
N PHE B 188 -0.55 8.84 25.99
CA PHE B 188 -0.88 7.46 25.62
C PHE B 188 0.36 6.58 25.45
N VAL B 189 1.35 7.10 24.74
CA VAL B 189 2.63 6.37 24.60
C VAL B 189 3.25 6.04 25.97
N SER B 190 3.20 7.00 26.90
CA SER B 190 3.75 6.78 28.23
C SER B 190 3.00 5.73 29.02
N GLU B 191 1.66 5.74 28.87
CA GLU B 191 0.80 4.83 29.57
C GLU B 191 1.06 3.41 29.07
N GLN B 192 1.26 3.28 27.77
CA GLN B 192 1.60 1.97 27.22
C GLN B 192 2.98 1.50 27.66
N PHE B 193 3.93 2.42 27.83
CA PHE B 193 5.29 2.07 28.26
C PHE B 193 5.28 1.52 29.69
N ALA B 194 4.45 2.13 30.55
CA ALA B 194 4.30 1.75 31.98
C ALA B 194 4.07 0.21 32.14
N ASP B 195 4.88 -0.41 33.02
CA ASP B 195 5.12 -1.90 33.19
C ASP B 195 6.38 -2.51 32.53
FE FE C . 1.83 3.15 -9.24
C1 GOL D . 1.77 -12.89 9.27
O1 GOL D . 3.15 -12.56 9.52
C2 GOL D . 1.18 -13.77 10.37
O2 GOL D . 1.78 -15.08 10.32
C3 GOL D . -0.35 -13.83 10.24
O3 GOL D . -0.75 -14.88 9.33
C1 GOL E . -4.60 -12.40 24.11
O1 GOL E . -3.46 -11.54 23.94
C2 GOL E . -4.13 -13.82 24.55
O2 GOL E . -2.97 -14.20 23.87
C3 GOL E . -5.05 -15.06 24.51
O3 GOL E . -6.40 -14.84 24.92
FE FE F . -4.87 3.21 7.58
C1 GOL G . 9.34 15.26 22.24
O1 GOL G . 9.13 16.21 21.20
C2 GOL G . 8.21 15.26 23.26
O2 GOL G . 7.97 16.61 23.62
C3 GOL G . 8.60 14.44 24.48
O3 GOL G . 8.00 14.87 25.69
#